data_3VOL
#
_entry.id   3VOL
#
_cell.length_a   83.020
_cell.length_b   83.020
_cell.length_c   107.760
_cell.angle_alpha   90.00
_cell.angle_beta   90.00
_cell.angle_gamma   120.00
#
_symmetry.space_group_name_H-M   'P 65 2 2'
#
loop_
_entity.id
_entity.type
_entity.pdbx_description
1 polymer 'Aerotaxis transducer Aer2'
2 non-polymer 'PROTOPORPHYRIN IX CONTAINING FE'
3 non-polymer 'CYANIDE ION'
4 water water
#
_entity_poly.entity_id   1
_entity_poly.type   'polypeptide(L)'
_entity_poly.pdbx_seq_one_letter_code
;MGSSHHHHHHSSGLVPRGSHMARIKSALDNVSANVMIADNDLNIIYMNRTVSEMLGRAEADIRKQLPNFDAGRLMGANID
VFHKNPAHQRHLLANLTGVHKAELNLGGRRFSLDVVPVFNDANERLGSAVQWTDRTEEHRAEQEVSQLVQAAAAGDFSKR
VEEAGKEGFFLRLAKDLNSLVDTADRGLRDVSRMLGALAQGDLTQRIEADYQGTFGQLKDFSNDTAQSLSRML
;
_entity_poly.pdbx_strand_id   A
#
loop_
_chem_comp.id
_chem_comp.type
_chem_comp.name
_chem_comp.formula
CYN non-polymer 'CYANIDE ION' 'C N -1'
HEM non-polymer 'PROTOPORPHYRIN IX CONTAINING FE' 'C34 H32 Fe N4 O4'
#
# COMPACT_ATOMS: atom_id res chain seq x y z
N GLY A 18 18.86 -13.53 -3.33
CA GLY A 18 19.25 -13.54 -4.73
C GLY A 18 19.43 -12.12 -5.24
N SER A 19 19.95 -11.98 -6.47
CA SER A 19 20.23 -10.65 -7.05
C SER A 19 18.99 -10.02 -7.69
N HIS A 20 17.83 -10.64 -7.50
CA HIS A 20 16.59 -10.02 -7.92
C HIS A 20 16.45 -8.71 -7.14
N MET A 21 16.90 -8.76 -5.90
CA MET A 21 16.86 -7.68 -4.94
C MET A 21 17.69 -6.44 -5.32
N ALA A 22 18.79 -6.70 -5.99
CA ALA A 22 19.66 -5.67 -6.53
C ALA A 22 19.01 -4.97 -7.73
N ARG A 23 18.52 -5.76 -8.67
CA ARG A 23 17.75 -5.23 -9.81
C ARG A 23 16.55 -4.38 -9.33
N ILE A 24 15.89 -4.82 -8.26
CA ILE A 24 14.75 -4.08 -7.75
C ILE A 24 15.12 -2.70 -7.20
N LYS A 25 16.09 -2.67 -6.29
CA LYS A 25 16.61 -1.42 -5.77
C LYS A 25 17.03 -0.54 -6.94
N SER A 26 17.81 -1.06 -7.89
CA SER A 26 18.19 -0.18 -8.99
C SER A 26 16.93 0.45 -9.62
N ALA A 27 16.04 -0.37 -10.15
CA ALA A 27 14.93 0.18 -10.91
C ALA A 27 13.95 1.07 -10.16
N LEU A 28 13.78 0.90 -8.86
CA LEU A 28 12.68 1.56 -8.12
C LEU A 28 13.06 2.55 -7.01
N ASP A 29 14.26 2.39 -6.50
CA ASP A 29 14.70 3.21 -5.40
C ASP A 29 14.37 4.71 -5.56
N ASN A 30 14.53 5.26 -6.77
CA ASN A 30 14.31 6.69 -6.94
C ASN A 30 13.15 7.05 -7.85
N VAL A 31 12.34 6.08 -8.25
CA VAL A 31 11.22 6.33 -9.12
C VAL A 31 10.16 7.16 -8.37
N SER A 32 9.23 7.74 -9.11
CA SER A 32 8.36 8.82 -8.56
C SER A 32 7.21 8.27 -7.68
N ALA A 33 6.94 6.99 -7.87
CA ALA A 33 5.89 6.26 -7.18
C ALA A 33 6.19 5.71 -5.76
N ASN A 34 5.19 5.68 -4.89
CA ASN A 34 5.26 4.84 -3.69
C ASN A 34 5.28 3.35 -4.04
N VAL A 35 6.32 2.62 -3.63
CA VAL A 35 6.41 1.18 -3.89
C VAL A 35 6.95 0.39 -2.71
N MET A 36 6.31 -0.73 -2.44
CA MET A 36 6.65 -1.53 -1.30
C MET A 36 6.40 -3.00 -1.69
N ILE A 37 7.25 -3.87 -1.16
CA ILE A 37 7.11 -5.26 -1.45
C ILE A 37 7.18 -6.06 -0.18
N ALA A 38 6.22 -6.97 -0.05
CA ALA A 38 6.22 -7.96 0.98
C ALA A 38 6.53 -9.38 0.41
N ASP A 39 7.18 -10.23 1.22
CA ASP A 39 7.47 -11.60 0.76
C ASP A 39 6.23 -12.53 0.85
N ASN A 40 6.43 -13.83 0.62
CA ASN A 40 5.31 -14.76 0.66
C ASN A 40 4.78 -14.89 2.09
N ASP A 41 5.57 -14.49 3.06
CA ASP A 41 5.11 -14.46 4.44
C ASP A 41 4.50 -13.15 4.90
N LEU A 42 4.32 -12.23 3.97
CA LEU A 42 3.86 -10.88 4.28
C LEU A 42 4.85 -10.11 5.13
N ASN A 43 6.12 -10.36 4.89
CA ASN A 43 7.15 -9.56 5.52
C ASN A 43 7.71 -8.49 4.59
N ILE A 44 7.70 -7.24 5.01
CA ILE A 44 8.17 -6.19 4.13
C ILE A 44 9.63 -6.37 3.87
N ILE A 45 9.99 -6.57 2.61
CA ILE A 45 11.37 -6.73 2.22
C ILE A 45 11.84 -5.63 1.33
N TYR A 46 10.97 -4.72 0.94
CA TYR A 46 11.48 -3.57 0.26
C TYR A 46 10.53 -2.45 0.25
N MET A 47 11.10 -1.24 0.22
CA MET A 47 10.36 0.02 0.15
C MET A 47 11.23 1.07 -0.45
N ASN A 48 10.67 1.90 -1.34
CA ASN A 48 11.55 2.78 -2.07
C ASN A 48 11.66 4.08 -1.35
N ARG A 49 12.39 5.01 -1.94
CA ARG A 49 12.68 6.22 -1.17
C ARG A 49 11.40 7.02 -1.02
N THR A 50 10.73 7.21 -2.17
CA THR A 50 9.48 8.01 -2.20
C THR A 50 8.50 7.59 -1.09
N VAL A 51 8.22 6.29 -1.01
CA VAL A 51 7.24 5.81 0.00
C VAL A 51 7.77 5.91 1.38
N SER A 52 9.09 5.76 1.50
CA SER A 52 9.75 5.91 2.82
C SER A 52 9.60 7.35 3.36
N GLU A 53 9.93 8.34 2.53
CA GLU A 53 9.74 9.76 2.92
C GLU A 53 8.28 10.00 3.31
N MET A 54 7.36 9.55 2.44
CA MET A 54 5.97 9.84 2.69
C MET A 54 5.44 9.17 3.95
N LEU A 55 5.84 7.95 4.21
CA LEU A 55 5.29 7.35 5.43
C LEU A 55 5.90 7.97 6.69
N GLY A 56 7.02 8.67 6.51
CA GLY A 56 7.68 9.26 7.64
C GLY A 56 6.79 10.37 8.15
N ARG A 57 6.48 11.31 7.24
CA ARG A 57 5.64 12.47 7.50
C ARG A 57 4.26 12.15 8.12
N ALA A 58 3.76 10.96 7.85
CA ALA A 58 2.34 10.78 7.96
C ALA A 58 2.14 9.87 9.12
N GLU A 59 3.27 9.61 9.79
CA GLU A 59 3.28 8.64 10.87
C GLU A 59 2.33 8.92 12.02
N ALA A 60 2.40 10.14 12.55
CA ALA A 60 1.51 10.55 13.61
C ALA A 60 0.06 10.42 13.14
N ASP A 61 -0.26 11.02 11.99
CA ASP A 61 -1.61 10.84 11.44
C ASP A 61 -1.98 9.36 11.33
N ILE A 62 -1.04 8.54 10.84
CA ILE A 62 -1.38 7.13 10.67
C ILE A 62 -1.61 6.46 12.03
N ARG A 63 -0.86 6.90 13.03
CA ARG A 63 -0.90 6.32 14.37
C ARG A 63 -2.26 6.44 15.05
N LYS A 64 -2.96 7.54 14.74
CA LYS A 64 -4.38 7.71 15.07
C LYS A 64 -5.28 6.59 14.60
N GLN A 65 -4.86 5.91 13.53
CA GLN A 65 -5.63 4.86 12.92
C GLN A 65 -5.02 3.54 13.36
N LEU A 66 -3.69 3.45 13.24
CA LEU A 66 -2.98 2.22 13.67
C LEU A 66 -1.90 2.56 14.66
N PRO A 67 -2.22 2.41 15.94
CA PRO A 67 -1.39 2.81 17.08
C PRO A 67 -0.02 2.11 17.01
N ASN A 68 -0.03 0.91 16.44
CA ASN A 68 1.22 0.17 16.31
C ASN A 68 2.13 0.67 15.20
N PHE A 69 1.56 1.40 14.25
CA PHE A 69 2.39 1.79 13.11
C PHE A 69 3.60 2.47 13.67
N ASP A 70 4.77 1.89 13.47
CA ASP A 70 6.01 2.63 13.64
C ASP A 70 6.61 2.75 12.29
N ALA A 71 6.75 3.96 11.78
CA ALA A 71 7.39 4.12 10.48
C ALA A 71 8.79 3.58 10.40
N GLY A 72 9.59 3.76 11.46
CA GLY A 72 11.01 3.41 11.39
C GLY A 72 11.27 1.92 11.51
N ARG A 73 10.31 1.20 12.09
CA ARG A 73 10.36 -0.24 12.20
C ARG A 73 9.58 -0.88 11.06
N LEU A 74 9.92 -0.59 9.79
CA LEU A 74 9.07 -1.11 8.70
C LEU A 74 9.65 -2.30 7.94
N MET A 75 10.90 -2.21 7.53
CA MET A 75 11.57 -3.38 6.95
C MET A 75 11.44 -4.54 7.92
N GLY A 76 11.33 -5.77 7.41
CA GLY A 76 11.18 -6.93 8.26
C GLY A 76 9.78 -7.11 8.84
N ALA A 77 9.09 -6.00 9.03
CA ALA A 77 7.74 -6.00 9.58
C ALA A 77 6.71 -6.90 8.88
N ASN A 78 5.84 -7.52 9.68
CA ASN A 78 4.74 -8.24 9.07
C ASN A 78 3.54 -7.33 8.97
N ILE A 79 2.87 -7.36 7.83
CA ILE A 79 1.85 -6.36 7.54
C ILE A 79 0.47 -6.80 8.00
N ASP A 80 0.40 -7.92 8.74
CA ASP A 80 -0.86 -8.40 9.29
C ASP A 80 -1.32 -7.36 10.28
N VAL A 81 -0.38 -6.89 11.08
CA VAL A 81 -0.67 -5.88 12.10
C VAL A 81 -1.55 -4.79 11.54
N PHE A 82 -1.55 -4.64 10.20
CA PHE A 82 -2.03 -3.39 9.57
C PHE A 82 -3.37 -3.59 8.97
N HIS A 83 -3.75 -4.83 8.96
CA HIS A 83 -4.91 -5.19 8.22
C HIS A 83 -6.01 -5.59 9.19
N LYS A 84 -7.23 -5.13 8.91
CA LYS A 84 -8.35 -5.37 9.80
C LYS A 84 -8.55 -6.85 10.08
N ASN A 85 -8.79 -7.63 9.04
CA ASN A 85 -8.75 -9.05 9.21
C ASN A 85 -7.67 -9.57 8.29
N PRO A 86 -6.44 -9.65 8.81
CA PRO A 86 -5.24 -10.06 8.11
C PRO A 86 -5.46 -11.34 7.35
N ALA A 87 -6.39 -12.15 7.81
CA ALA A 87 -6.65 -13.40 7.11
C ALA A 87 -7.13 -13.11 5.69
N HIS A 88 -7.71 -11.93 5.47
CA HIS A 88 -8.33 -11.65 4.16
C HIS A 88 -7.32 -11.32 3.06
N GLN A 89 -6.40 -10.40 3.34
CA GLN A 89 -5.22 -10.12 2.46
C GLN A 89 -4.39 -11.35 2.26
N ARG A 90 -4.24 -12.12 3.37
CA ARG A 90 -3.43 -13.36 3.34
C ARG A 90 -3.95 -14.26 2.25
N HIS A 91 -5.26 -14.48 2.25
CA HIS A 91 -5.88 -15.26 1.18
C HIS A 91 -5.76 -14.55 -0.16
N LEU A 92 -6.26 -13.32 -0.22
CA LEU A 92 -6.13 -12.54 -1.42
C LEU A 92 -4.74 -12.69 -2.08
N LEU A 93 -3.70 -12.36 -1.31
CA LEU A 93 -2.36 -12.33 -1.86
C LEU A 93 -2.00 -13.70 -2.40
N ALA A 94 -2.18 -14.69 -1.53
CA ALA A 94 -1.89 -16.06 -1.85
C ALA A 94 -2.49 -16.52 -3.19
N ASN A 95 -3.60 -15.93 -3.65
CA ASN A 95 -4.18 -16.26 -4.95
C ASN A 95 -4.04 -15.24 -6.06
N LEU A 96 -3.32 -14.18 -5.77
CA LEU A 96 -3.28 -13.12 -6.71
C LEU A 96 -2.66 -13.67 -7.98
N THR A 97 -3.20 -13.33 -9.13
CA THR A 97 -2.59 -13.75 -10.36
C THR A 97 -2.29 -12.61 -11.31
N GLY A 98 -3.17 -11.63 -11.34
CA GLY A 98 -2.86 -10.45 -12.13
C GLY A 98 -2.75 -9.29 -11.15
N VAL A 99 -3.28 -8.13 -11.49
CA VAL A 99 -3.29 -6.98 -10.63
C VAL A 99 -4.56 -6.91 -9.78
N HIS A 100 -4.43 -6.38 -8.55
CA HIS A 100 -5.59 -6.08 -7.68
C HIS A 100 -5.57 -4.57 -7.44
N LYS A 101 -6.74 -3.96 -7.58
CA LYS A 101 -6.92 -2.51 -7.44
C LYS A 101 -7.96 -2.29 -6.36
N ALA A 102 -7.65 -1.36 -5.47
CA ALA A 102 -8.53 -1.10 -4.36
C ALA A 102 -8.11 0.27 -3.84
N GLU A 103 -8.71 0.64 -2.71
CA GLU A 103 -8.39 1.85 -1.99
C GLU A 103 -8.20 1.64 -0.47
N LEU A 104 -7.43 2.52 0.17
CA LEU A 104 -7.30 2.45 1.62
C LEU A 104 -7.30 3.81 2.19
N ASN A 105 -7.72 3.88 3.45
CA ASN A 105 -7.48 5.09 4.25
C ASN A 105 -6.13 4.98 4.94
N LEU A 106 -5.30 6.00 4.84
CA LEU A 106 -4.03 5.94 5.60
C LEU A 106 -3.89 7.30 6.26
N GLY A 107 -4.07 7.36 7.58
CA GLY A 107 -3.84 8.60 8.30
C GLY A 107 -4.74 9.67 7.74
N GLY A 108 -6.01 9.32 7.53
CA GLY A 108 -7.01 10.27 7.06
C GLY A 108 -6.76 10.83 5.66
N ARG A 109 -5.92 10.15 4.88
CA ARG A 109 -5.62 10.44 3.49
C ARG A 109 -6.15 9.25 2.72
N ARG A 110 -6.49 9.45 1.46
CA ARG A 110 -7.02 8.34 0.65
C ARG A 110 -6.06 7.94 -0.46
N PHE A 111 -5.77 6.64 -0.56
CA PHE A 111 -4.86 6.14 -1.62
C PHE A 111 -5.51 5.03 -2.45
N SER A 112 -5.24 5.06 -3.73
CA SER A 112 -5.53 3.96 -4.61
C SER A 112 -4.40 3.03 -4.41
N LEU A 113 -4.70 1.74 -4.33
CA LEU A 113 -3.64 0.79 -4.19
C LEU A 113 -3.67 -0.18 -5.34
N ASP A 114 -2.48 -0.54 -5.81
CA ASP A 114 -2.34 -1.46 -6.93
C ASP A 114 -1.36 -2.54 -6.51
N VAL A 115 -1.79 -3.78 -6.51
CA VAL A 115 -0.96 -4.89 -6.06
C VAL A 115 -0.75 -5.87 -7.19
N VAL A 116 0.52 -6.25 -7.43
CA VAL A 116 0.84 -7.30 -8.37
C VAL A 116 1.78 -8.29 -7.69
N PRO A 117 1.64 -9.62 -8.04
CA PRO A 117 2.63 -10.58 -7.56
C PRO A 117 3.96 -10.30 -8.22
N VAL A 118 5.05 -10.75 -7.60
CA VAL A 118 6.36 -10.60 -8.28
C VAL A 118 7.13 -11.90 -8.28
N PHE A 119 7.88 -12.16 -9.35
CA PHE A 119 8.62 -13.44 -9.47
C PHE A 119 10.04 -13.24 -9.84
N ASN A 120 10.93 -14.09 -9.30
CA ASN A 120 12.32 -14.21 -9.81
C ASN A 120 12.49 -14.75 -11.24
N ASP A 121 13.74 -14.99 -11.60
CA ASP A 121 14.13 -15.36 -12.98
C ASP A 121 13.66 -16.80 -13.24
N ALA A 122 13.70 -17.59 -12.18
CA ALA A 122 13.30 -18.99 -12.16
C ALA A 122 11.76 -19.18 -11.92
N ASN A 123 10.97 -18.19 -12.33
CA ASN A 123 9.57 -18.07 -11.95
C ASN A 123 9.14 -18.44 -10.55
N GLU A 124 10.00 -18.33 -9.54
CA GLU A 124 9.46 -18.49 -8.19
C GLU A 124 8.80 -17.16 -7.78
N ARG A 125 7.81 -17.27 -6.91
CA ARG A 125 7.07 -16.13 -6.42
C ARG A 125 7.93 -15.53 -5.30
N LEU A 126 8.32 -14.26 -5.48
CA LEU A 126 9.02 -13.51 -4.40
C LEU A 126 8.01 -12.99 -3.37
N GLY A 127 6.89 -12.48 -3.84
CA GLY A 127 5.86 -11.94 -2.97
C GLY A 127 4.91 -11.01 -3.71
N SER A 128 4.64 -9.83 -3.14
CA SER A 128 3.66 -8.91 -3.69
C SER A 128 4.13 -7.44 -3.59
N ALA A 129 3.89 -6.70 -4.68
CA ALA A 129 4.32 -5.35 -4.81
C ALA A 129 3.09 -4.46 -4.68
N VAL A 130 3.06 -3.56 -3.69
CA VAL A 130 1.94 -2.64 -3.66
C VAL A 130 2.37 -1.19 -3.98
N GLN A 131 1.52 -0.47 -4.69
CA GLN A 131 1.86 0.84 -5.12
C GLN A 131 0.69 1.72 -4.69
N TRP A 132 0.99 2.84 -4.04
CA TRP A 132 -0.03 3.69 -3.43
C TRP A 132 0.00 5.00 -4.14
N THR A 133 -1.20 5.46 -4.51
CA THR A 133 -1.33 6.74 -5.16
C THR A 133 -2.33 7.60 -4.43
N ASP A 134 -1.85 8.72 -3.88
CA ASP A 134 -2.69 9.63 -3.12
C ASP A 134 -3.88 10.16 -3.99
N ARG A 135 -5.08 10.12 -3.44
CA ARG A 135 -6.22 10.60 -4.17
C ARG A 135 -7.24 11.18 -3.21
N THR A 136 -6.68 11.76 -2.19
CA THR A 136 -7.45 12.42 -1.17
C THR A 136 -8.37 13.52 -1.69
N GLU A 137 -7.89 14.26 -2.68
CA GLU A 137 -8.56 15.46 -3.13
C GLU A 137 -9.75 15.00 -3.98
N GLU A 138 -9.44 14.29 -5.05
CA GLU A 138 -10.44 13.50 -5.80
C GLU A 138 -11.43 12.86 -4.88
N HIS A 139 -10.97 12.13 -3.86
CA HIS A 139 -11.91 11.46 -2.96
C HIS A 139 -12.81 12.42 -2.17
N ARG A 140 -12.26 13.46 -1.55
CA ARG A 140 -13.12 14.50 -0.90
C ARG A 140 -14.11 15.16 -1.86
N ALA A 141 -13.64 15.57 -3.02
CA ALA A 141 -14.52 16.06 -4.09
C ALA A 141 -15.71 15.10 -4.33
N GLU A 142 -15.43 13.85 -4.72
CA GLU A 142 -16.48 12.84 -4.79
C GLU A 142 -17.47 12.89 -3.64
N GLN A 143 -16.99 12.86 -2.40
CA GLN A 143 -17.87 12.90 -1.23
C GLN A 143 -18.82 14.11 -1.27
N GLU A 144 -18.26 15.26 -1.65
CA GLU A 144 -19.01 16.50 -1.76
C GLU A 144 -20.14 16.38 -2.81
N VAL A 145 -19.73 16.23 -4.07
CA VAL A 145 -20.65 16.10 -5.16
C VAL A 145 -21.68 15.05 -4.75
N SER A 146 -21.22 13.97 -4.18
CA SER A 146 -22.14 12.93 -3.73
C SER A 146 -23.24 13.43 -2.78
N GLN A 147 -22.88 14.10 -1.70
CA GLN A 147 -23.93 14.51 -0.77
C GLN A 147 -24.72 15.69 -1.32
N LEU A 148 -24.06 16.49 -2.16
CA LEU A 148 -24.65 17.65 -2.77
C LEU A 148 -25.80 17.19 -3.66
N VAL A 149 -25.57 16.09 -4.36
CA VAL A 149 -26.57 15.53 -5.23
C VAL A 149 -27.70 15.02 -4.38
N GLN A 150 -27.37 14.30 -3.31
CA GLN A 150 -28.47 13.69 -2.58
C GLN A 150 -29.21 14.75 -1.81
N ALA A 151 -28.50 15.77 -1.37
CA ALA A 151 -29.21 16.85 -0.73
C ALA A 151 -30.18 17.49 -1.77
N ALA A 152 -29.69 17.78 -2.97
CA ALA A 152 -30.55 18.47 -3.93
C ALA A 152 -31.80 17.64 -4.26
N ALA A 153 -31.59 16.38 -4.65
CA ALA A 153 -32.70 15.44 -4.95
C ALA A 153 -33.85 15.41 -3.89
N ALA A 154 -33.51 15.59 -2.62
CA ALA A 154 -34.50 15.73 -1.54
C ALA A 154 -34.03 16.86 -0.65
N GLY A 155 -34.79 17.94 -0.48
CA GLY A 155 -34.32 19.02 0.41
C GLY A 155 -33.55 18.49 1.65
CHA HEM B . -5.77 -3.27 2.26
CHB HEM B . -1.80 -5.70 0.83
CHC HEM B . 1.24 -2.93 3.47
CHD HEM B . -2.76 -1.05 5.40
C1A HEM B . -4.94 -4.13 1.59
C2A HEM B . -5.27 -4.99 0.48
C3A HEM B . -4.16 -5.66 0.11
C4A HEM B . -3.07 -5.24 0.98
CMA HEM B . -4.05 -6.67 -1.02
CAA HEM B . -6.63 -5.20 -0.25
CBA HEM B . -7.82 -4.39 0.25
CGA HEM B . -9.02 -5.12 -0.30
O1A HEM B . -9.11 -5.27 -1.54
O2A HEM B . -9.90 -5.57 0.50
C1B HEM B . -0.70 -5.12 1.43
C2B HEM B . 0.66 -5.32 0.89
C3B HEM B . 1.47 -4.56 1.61
C4B HEM B . 0.68 -3.82 2.59
CMB HEM B . 1.07 -6.24 -0.30
CAB HEM B . 2.97 -4.44 1.47
CBB HEM B . 3.62 -5.18 0.57
C1C HEM B . 0.38 -2.21 4.20
C2C HEM B . 0.76 -1.20 5.14
C3C HEM B . -0.38 -0.72 5.66
C4C HEM B . -1.50 -1.40 5.09
CMC HEM B . 2.25 -0.82 5.41
CAC HEM B . -0.51 0.35 6.72
CBC HEM B . 0.63 0.80 7.21
C1D HEM B . -3.89 -1.41 4.75
C2D HEM B . -5.23 -0.92 5.07
C3D HEM B . -6.17 -1.64 4.13
C4D HEM B . -5.29 -2.45 3.29
CMD HEM B . -5.67 0.06 6.17
CAD HEM B . -7.69 -1.49 4.06
CBD HEM B . -8.43 -2.74 4.59
CGD HEM B . -7.84 -3.27 5.92
O1D HEM B . -7.48 -2.42 6.81
O2D HEM B . -7.74 -4.55 6.07
NA HEM B . -3.58 -4.30 1.87
NB HEM B . -0.67 -4.14 2.45
NC HEM B . -1.02 -2.29 4.15
ND HEM B . -3.94 -2.30 3.71
FE HEM B . -2.29 -3.29 3.03
C CYN C . -1.86 -2.07 1.60
N CYN C . -2.37 -1.18 1.06
#